data_9G6R
#
_entry.id   9G6R
#
_cell.length_a   56.496
_cell.length_b   55.170
_cell.length_c   76.892
_cell.angle_alpha   90.00
_cell.angle_beta   104.87
_cell.angle_gamma   90.00
#
_symmetry.space_group_name_H-M   'P 1 21 1'
#
loop_
_entity.id
_entity.type
_entity.pdbx_description
1 polymer 'Fab-IP8 Heavy chain'
2 polymer 'Fab-IP8 Light chain'
3 non-polymer rocuronium
4 water water
#
loop_
_entity_poly.entity_id
_entity_poly.type
_entity_poly.pdbx_seq_one_letter_code
_entity_poly.pdbx_strand_id
1 'polypeptide(L)'
;(PCA)VQLQQSGAELAKPGASVKLSCKASGYTFTSNWMHWVKQRPGQGLEWIGYINPSSGYSKYNQKFKDKATLTADKSS
STAYMQLSSLTYEDSAVYFCARLSYYDYDGGYFFDFWGQGTTLTVSSASTKGPSVFPLAPSSKSTSGGTAALGCLVKDYF
PEPVTVSWNSGALTSGVHTFPAVLQSSGLYSLSSVVTVPSSSLGTQTYICNVNHKPSNTKVDKRVEP
;
H
2 'polypeptide(L)'
;DIVITQDELSSPVTSGESVSISCRSSKSLLYKDGKTYLNWFLQRPGQSPQILIYLMSTRASGVSDRFSGSGSGTDFTLEI
SRVKAEDVGVYYCQQVVEYPYTFGGGTKLEIKRTVAAPSVFIFPPSDEQLKSGTASVVCLLNNFYPREAKVQWKVDNALQ
SGNSQESVTEQDSKDSTYSLSSTLTLSKADYEKHKVYACEVTHQGLSSPVTKSFNRGE
;
L
#
# COMPACT_ATOMS: atom_id res chain seq x y z
N VAL A 2 -22.36 3.93 0.99
CA VAL A 2 -21.97 3.32 -0.30
C VAL A 2 -20.56 2.78 -0.11
N GLN A 3 -20.38 1.51 -0.41
CA GLN A 3 -19.04 0.95 -0.47
C GLN A 3 -19.02 -0.29 -1.36
N LEU A 4 -17.82 -0.54 -1.87
CA LEU A 4 -17.52 -1.74 -2.63
C LEU A 4 -16.53 -2.55 -1.81
N GLN A 5 -16.77 -3.87 -1.71
CA GLN A 5 -15.88 -4.72 -0.96
C GLN A 5 -15.51 -5.94 -1.79
N GLN A 6 -14.21 -6.12 -1.90
CA GLN A 6 -13.66 -7.13 -2.81
C GLN A 6 -13.21 -8.35 -2.03
N SER A 7 -13.10 -9.47 -2.76
CA SER A 7 -12.63 -10.75 -2.22
C SER A 7 -11.16 -10.67 -1.90
N GLY A 8 -10.73 -11.55 -0.99
CA GLY A 8 -9.37 -11.53 -0.50
C GLY A 8 -8.39 -12.09 -1.55
N ALA A 9 -7.12 -11.83 -1.30
CA ALA A 9 -6.01 -12.21 -2.18
C ALA A 9 -6.00 -13.71 -2.47
N GLU A 10 -5.44 -14.04 -3.64
CA GLU A 10 -5.48 -15.38 -4.16
C GLU A 10 -4.14 -15.72 -4.81
N LEU A 11 -3.80 -17.00 -4.69
CA LEU A 11 -2.76 -17.63 -5.52
C LEU A 11 -3.43 -18.53 -6.55
N ALA A 12 -2.90 -18.52 -7.79
CA ALA A 12 -3.40 -19.46 -8.79
C ALA A 12 -2.21 -19.94 -9.64
N LYS A 13 -2.39 -21.13 -10.20
CA LYS A 13 -1.38 -21.78 -11.02
C LYS A 13 -1.46 -21.22 -12.45
N PRO A 14 -0.31 -21.16 -13.14
CA PRO A 14 -0.28 -20.93 -14.58
C PRO A 14 -1.27 -21.83 -15.31
N GLY A 15 -2.09 -21.21 -16.15
CA GLY A 15 -3.10 -21.94 -16.92
C GLY A 15 -4.47 -22.10 -16.29
N ALA A 16 -4.56 -21.85 -14.96
CA ALA A 16 -5.83 -21.97 -14.28
C ALA A 16 -6.67 -20.69 -14.48
N SER A 17 -7.84 -20.67 -13.86
CA SER A 17 -8.71 -19.49 -13.84
C SER A 17 -8.99 -19.12 -12.39
N VAL A 18 -9.37 -17.86 -12.20
CA VAL A 18 -9.81 -17.37 -10.91
C VAL A 18 -11.05 -16.53 -11.13
N LYS A 19 -11.85 -16.39 -10.08
CA LYS A 19 -13.01 -15.54 -10.15
C LYS A 19 -13.02 -14.62 -8.94
N LEU A 20 -12.92 -13.33 -9.21
CA LEU A 20 -12.81 -12.27 -8.19
C LEU A 20 -14.18 -11.65 -8.02
N SER A 21 -14.52 -11.26 -6.76
CA SER A 21 -15.82 -10.67 -6.47
C SER A 21 -15.70 -9.24 -5.95
N CYS A 22 -16.80 -8.52 -6.19
CA CYS A 22 -17.00 -7.14 -5.78
C CYS A 22 -18.44 -6.94 -5.34
N LYS A 23 -18.66 -6.90 -4.01
CA LYS A 23 -19.96 -6.68 -3.46
C LYS A 23 -20.25 -5.19 -3.26
N ALA A 24 -21.41 -4.78 -3.74
CA ALA A 24 -21.83 -3.38 -3.68
C ALA A 24 -22.86 -3.25 -2.57
N SER A 25 -22.67 -2.28 -1.68
CA SER A 25 -23.72 -2.04 -0.72
C SER A 25 -24.01 -0.55 -0.58
N GLY A 26 -25.21 -0.24 -0.10
CA GLY A 26 -25.57 1.14 0.20
C GLY A 26 -26.25 1.88 -0.95
N TYR A 27 -26.52 1.19 -2.05
CA TYR A 27 -27.23 1.73 -3.21
C TYR A 27 -27.78 0.55 -4.00
N THR A 28 -28.62 0.86 -4.99
CA THR A 28 -29.24 -0.16 -5.85
C THR A 28 -28.20 -0.61 -6.87
N PHE A 29 -27.73 -1.85 -6.73
CA PHE A 29 -26.61 -2.36 -7.51
C PHE A 29 -26.83 -2.17 -9.01
N THR A 30 -28.04 -2.44 -9.49
CA THR A 30 -28.31 -2.39 -10.91
C THR A 30 -28.27 -0.98 -11.50
N SER A 31 -28.13 0.07 -10.68
CA SER A 31 -28.22 1.46 -11.13
C SER A 31 -26.90 2.01 -11.67
N ASN A 32 -25.77 1.31 -11.45
CA ASN A 32 -24.44 1.84 -11.75
C ASN A 32 -23.60 0.77 -12.45
N TRP A 33 -23.07 1.15 -13.61
CA TRP A 33 -22.11 0.30 -14.28
C TRP A 33 -20.90 0.03 -13.40
N MET A 34 -20.41 -1.21 -13.44
CA MET A 34 -19.27 -1.55 -12.60
C MET A 34 -18.07 -1.79 -13.51
N HIS A 35 -16.99 -1.02 -13.27
CA HIS A 35 -15.75 -1.13 -14.02
C HIS A 35 -14.71 -1.91 -13.25
N TRP A 36 -13.71 -2.44 -13.96
CA TRP A 36 -12.56 -3.09 -13.35
C TRP A 36 -11.26 -2.54 -13.93
N VAL A 37 -10.25 -2.45 -13.07
CA VAL A 37 -8.96 -1.84 -13.33
C VAL A 37 -7.85 -2.71 -12.80
N LYS A 38 -6.77 -2.85 -13.58
CA LYS A 38 -5.61 -3.59 -13.18
C LYS A 38 -4.47 -2.66 -12.78
N GLN A 39 -3.76 -3.02 -11.72
CA GLN A 39 -2.63 -2.23 -11.28
C GLN A 39 -1.43 -3.13 -10.97
N ARG A 40 -0.33 -2.87 -11.69
CA ARG A 40 0.97 -3.46 -11.39
C ARG A 40 2.04 -2.39 -11.22
N PRO A 41 3.07 -2.63 -10.38
CA PRO A 41 4.13 -1.63 -10.20
C PRO A 41 4.79 -1.18 -11.50
N GLY A 42 4.91 0.14 -11.68
CA GLY A 42 5.49 0.73 -12.87
C GLY A 42 4.78 0.31 -14.17
N GLN A 43 3.49 -0.07 -14.07
CA GLN A 43 2.63 -0.29 -15.23
C GLN A 43 1.35 0.54 -15.13
N GLY A 44 1.34 1.49 -14.18
CA GLY A 44 0.27 2.43 -13.97
C GLY A 44 -1.02 1.68 -13.66
N LEU A 45 -2.11 2.14 -14.28
CA LEU A 45 -3.39 1.51 -14.20
C LEU A 45 -3.82 1.16 -15.62
N GLU A 46 -4.47 0.01 -15.78
CA GLU A 46 -5.06 -0.35 -17.05
C GLU A 46 -6.53 -0.65 -16.85
N TRP A 47 -7.34 -0.08 -17.74
CA TRP A 47 -8.78 -0.34 -17.73
C TRP A 47 -9.10 -1.66 -18.39
N ILE A 48 -9.91 -2.50 -17.71
CA ILE A 48 -10.24 -3.82 -18.22
C ILE A 48 -11.56 -3.81 -18.98
N GLY A 49 -12.58 -3.14 -18.41
CA GLY A 49 -13.94 -3.29 -18.96
C GLY A 49 -14.98 -2.84 -17.95
N TYR A 50 -16.25 -2.98 -18.34
CA TYR A 50 -17.33 -2.68 -17.43
C TYR A 50 -18.48 -3.64 -17.74
N ILE A 51 -19.33 -3.84 -16.75
CA ILE A 51 -20.61 -4.49 -16.96
C ILE A 51 -21.72 -3.54 -16.57
N ASN A 52 -22.80 -3.62 -17.37
CA ASN A 52 -24.07 -3.04 -16.99
C ASN A 52 -24.83 -4.09 -16.18
N PRO A 53 -24.90 -3.99 -14.83
CA PRO A 53 -25.56 -5.03 -14.05
C PRO A 53 -27.09 -5.16 -14.24
N SER A 54 -27.72 -4.13 -14.77
CA SER A 54 -29.14 -4.20 -15.07
C SER A 54 -29.41 -5.12 -16.27
N SER A 55 -28.56 -5.06 -17.31
CA SER A 55 -28.79 -5.75 -18.58
C SER A 55 -27.96 -7.04 -18.68
N GLY A 56 -26.82 -7.10 -17.98
CA GLY A 56 -25.90 -8.22 -18.06
C GLY A 56 -24.85 -8.06 -19.17
N TYR A 57 -24.97 -7.00 -19.97
CA TYR A 57 -24.02 -6.79 -21.06
C TYR A 57 -22.72 -6.19 -20.53
N SER A 58 -21.59 -6.64 -21.10
CA SER A 58 -20.29 -6.13 -20.68
C SER A 58 -19.48 -5.71 -21.91
N LYS A 59 -18.55 -4.76 -21.68
CA LYS A 59 -17.72 -4.19 -22.75
C LYS A 59 -16.29 -4.18 -22.26
N TYR A 60 -15.34 -4.47 -23.15
CA TYR A 60 -13.96 -4.73 -22.75
C TYR A 60 -13.00 -3.82 -23.49
N ASN A 61 -11.88 -3.54 -22.82
CA ASN A 61 -10.66 -3.19 -23.50
C ASN A 61 -10.29 -4.37 -24.40
N GLN A 62 -10.00 -4.07 -25.68
CA GLN A 62 -9.54 -5.12 -26.58
C GLN A 62 -8.43 -5.99 -26.00
N LYS A 63 -7.52 -5.35 -25.23
CA LYS A 63 -6.37 -6.02 -24.63
C LYS A 63 -6.80 -7.11 -23.65
N PHE A 64 -7.98 -6.97 -23.03
CA PHE A 64 -8.50 -7.91 -22.04
C PHE A 64 -9.67 -8.72 -22.55
N LYS A 65 -10.05 -8.61 -23.82
CA LYS A 65 -11.26 -9.27 -24.29
C LYS A 65 -11.18 -10.81 -24.19
N ASP A 66 -9.96 -11.37 -24.22
CA ASP A 66 -9.75 -12.80 -24.15
C ASP A 66 -9.30 -13.23 -22.74
N LYS A 67 -9.15 -12.29 -21.82
CA LYS A 67 -8.62 -12.60 -20.51
C LYS A 67 -9.72 -12.54 -19.45
N ALA A 68 -10.53 -11.48 -19.52
CA ALA A 68 -11.48 -11.18 -18.46
C ALA A 68 -12.89 -11.51 -18.94
N THR A 69 -13.73 -11.99 -18.03
CA THR A 69 -15.16 -12.18 -18.28
C THR A 69 -15.89 -11.61 -17.07
N LEU A 70 -16.71 -10.58 -17.31
CA LEU A 70 -17.46 -9.90 -16.26
C LEU A 70 -18.86 -10.45 -16.20
N THR A 71 -19.34 -10.71 -14.97
CA THR A 71 -20.73 -11.08 -14.74
C THR A 71 -21.23 -10.31 -13.53
N ALA A 72 -22.53 -10.37 -13.32
CA ALA A 72 -23.14 -9.69 -12.18
C ALA A 72 -24.30 -10.53 -11.65
N ASP A 73 -24.41 -10.64 -10.30
CA ASP A 73 -25.55 -11.31 -9.70
C ASP A 73 -26.43 -10.25 -9.03
N LYS A 74 -27.62 -10.03 -9.57
CA LYS A 74 -28.48 -8.96 -9.05
C LYS A 74 -28.99 -9.30 -7.64
N SER A 75 -29.28 -10.57 -7.36
CA SER A 75 -29.82 -10.92 -6.05
C SER A 75 -28.82 -10.65 -4.94
N SER A 76 -27.52 -10.89 -5.19
CA SER A 76 -26.50 -10.72 -4.17
C SER A 76 -25.73 -9.39 -4.30
N SER A 77 -26.12 -8.52 -5.25
CA SER A 77 -25.47 -7.24 -5.44
C SER A 77 -23.97 -7.37 -5.62
N THR A 78 -23.55 -8.40 -6.36
CA THR A 78 -22.14 -8.74 -6.49
C THR A 78 -21.77 -8.79 -7.98
N ALA A 79 -20.65 -8.13 -8.28
CA ALA A 79 -20.04 -8.18 -9.60
C ALA A 79 -18.88 -9.15 -9.54
N TYR A 80 -18.63 -9.86 -10.64
CA TYR A 80 -17.56 -10.83 -10.68
C TYR A 80 -16.68 -10.59 -11.89
N MET A 81 -15.40 -10.87 -11.71
CA MET A 81 -14.48 -10.92 -12.84
C MET A 81 -13.76 -12.25 -12.82
N GLN A 82 -13.93 -13.01 -13.91
CA GLN A 82 -13.15 -14.22 -14.13
C GLN A 82 -11.96 -13.89 -15.00
N LEU A 83 -10.79 -14.39 -14.60
CA LEU A 83 -9.55 -14.23 -15.34
C LEU A 83 -9.09 -15.63 -15.73
N SER A 84 -8.93 -15.85 -17.06
CA SER A 84 -8.75 -17.16 -17.66
C SER A 84 -7.31 -17.36 -18.12
N SER A 85 -6.91 -18.64 -18.20
CA SER A 85 -5.62 -19.02 -18.80
C SER A 85 -4.46 -18.19 -18.24
N LEU A 86 -4.28 -18.27 -16.92
CA LEU A 86 -3.45 -17.31 -16.20
C LEU A 86 -1.97 -17.45 -16.51
N THR A 87 -1.29 -16.30 -16.54
CA THR A 87 0.15 -16.22 -16.68
C THR A 87 0.72 -15.30 -15.63
N TYR A 88 2.07 -15.26 -15.60
CA TYR A 88 2.76 -14.42 -14.65
C TYR A 88 2.40 -12.95 -14.92
N GLU A 89 2.05 -12.58 -16.15
CA GLU A 89 1.69 -11.20 -16.47
C GLU A 89 0.36 -10.77 -15.85
N ASP A 90 -0.42 -11.75 -15.38
CA ASP A 90 -1.69 -11.49 -14.69
C ASP A 90 -1.53 -11.23 -13.20
N SER A 91 -0.33 -11.40 -12.62
CA SER A 91 -0.11 -11.08 -11.23
C SER A 91 -0.19 -9.57 -11.06
N ALA A 92 -1.09 -9.10 -10.19
CA ALA A 92 -1.47 -7.70 -10.13
C ALA A 92 -2.46 -7.49 -8.99
N VAL A 93 -2.77 -6.23 -8.77
CA VAL A 93 -3.90 -5.81 -7.94
C VAL A 93 -5.02 -5.44 -8.89
N TYR A 94 -6.22 -5.95 -8.62
CA TYR A 94 -7.38 -5.71 -9.42
C TYR A 94 -8.42 -4.97 -8.58
N PHE A 95 -8.93 -3.87 -9.13
CA PHE A 95 -9.95 -3.06 -8.47
C PHE A 95 -11.27 -3.18 -9.23
N CYS A 96 -12.39 -3.12 -8.48
CA CYS A 96 -13.64 -2.74 -9.09
C CYS A 96 -13.88 -1.26 -8.73
N ALA A 97 -14.65 -0.60 -9.60
CA ALA A 97 -14.98 0.80 -9.39
C ALA A 97 -16.32 1.09 -10.04
N ARG A 98 -17.15 1.85 -9.34
CA ARG A 98 -18.47 2.20 -9.81
C ARG A 98 -18.40 3.48 -10.65
N LEU A 99 -19.18 3.53 -11.71
CA LEU A 99 -19.31 4.73 -12.54
C LEU A 99 -20.50 5.54 -12.02
N SER A 100 -20.30 6.85 -11.91
CA SER A 100 -21.43 7.74 -11.71
C SER A 100 -21.47 8.75 -12.84
N TYR A 101 -22.66 9.27 -13.11
CA TYR A 101 -22.89 10.32 -14.10
C TYR A 101 -23.74 11.43 -13.46
N TYR A 102 -23.40 12.67 -13.77
CA TYR A 102 -24.13 13.83 -13.28
C TYR A 102 -24.76 14.53 -14.47
N ASP A 103 -26.09 14.37 -14.60
CA ASP A 103 -26.85 14.90 -15.72
C ASP A 103 -26.68 16.42 -15.86
N TYR A 104 -26.41 17.10 -14.74
CA TYR A 104 -26.34 18.56 -14.67
C TYR A 104 -25.07 19.10 -15.32
N ASP A 105 -23.97 18.35 -15.41
CA ASP A 105 -22.77 18.84 -16.09
C ASP A 105 -22.20 17.83 -17.09
N GLY A 106 -22.83 16.66 -17.26
CA GLY A 106 -22.38 15.67 -18.22
C GLY A 106 -21.14 14.91 -17.72
N GLY A 107 -20.73 15.14 -16.47
CA GLY A 107 -19.52 14.51 -15.91
C GLY A 107 -19.77 13.04 -15.52
N TYR A 108 -18.77 12.19 -15.75
CA TYR A 108 -18.85 10.80 -15.30
C TYR A 108 -17.44 10.35 -14.92
N PHE A 109 -17.35 9.49 -13.92
CA PHE A 109 -16.08 9.08 -13.37
C PHE A 109 -16.36 7.97 -12.36
N PHE A 110 -15.27 7.35 -11.91
CA PHE A 110 -15.31 6.33 -10.88
C PHE A 110 -15.34 7.02 -9.54
N ASP A 111 -16.46 6.90 -8.81
CA ASP A 111 -16.65 7.64 -7.55
C ASP A 111 -16.30 6.80 -6.35
N PHE A 112 -16.56 5.49 -6.41
CA PHE A 112 -16.24 4.60 -5.33
C PHE A 112 -15.49 3.38 -5.89
N TRP A 113 -14.46 2.94 -5.16
CA TRP A 113 -13.58 1.83 -5.55
C TRP A 113 -13.63 0.76 -4.47
N GLY A 114 -13.45 -0.51 -4.89
CA GLY A 114 -13.10 -1.55 -3.96
C GLY A 114 -11.69 -1.31 -3.40
N GLN A 115 -11.31 -2.11 -2.38
CA GLN A 115 -10.01 -1.99 -1.73
C GLN A 115 -8.93 -2.71 -2.51
N GLY A 116 -9.33 -3.43 -3.56
CA GLY A 116 -8.43 -4.17 -4.43
C GLY A 116 -8.28 -5.62 -3.99
N THR A 117 -7.92 -6.46 -4.96
CA THR A 117 -7.63 -7.86 -4.72
C THR A 117 -6.27 -8.16 -5.32
N THR A 118 -5.35 -8.71 -4.52
CA THR A 118 -4.07 -9.14 -5.06
C THR A 118 -4.18 -10.58 -5.57
N LEU A 119 -3.70 -10.76 -6.82
CA LEU A 119 -3.58 -12.05 -7.47
C LEU A 119 -2.11 -12.31 -7.78
N THR A 120 -1.61 -13.48 -7.34
CA THR A 120 -0.30 -13.97 -7.74
C THR A 120 -0.49 -15.27 -8.52
N VAL A 121 0.15 -15.31 -9.71
CA VAL A 121 0.15 -16.49 -10.55
C VAL A 121 1.52 -17.14 -10.42
N SER A 122 1.56 -18.37 -9.90
CA SER A 122 2.81 -19.04 -9.63
C SER A 122 2.57 -20.54 -9.49
N SER A 123 3.59 -21.34 -9.85
CA SER A 123 3.55 -22.77 -9.61
C SER A 123 3.90 -23.16 -8.18
N ALA A 124 4.52 -22.26 -7.43
CA ALA A 124 4.93 -22.57 -6.07
C ALA A 124 3.70 -22.68 -5.16
N SER A 125 3.83 -23.50 -4.13
CA SER A 125 2.76 -23.75 -3.18
C SER A 125 2.63 -22.57 -2.22
N THR A 126 1.42 -22.35 -1.70
CA THR A 126 1.22 -21.34 -0.68
C THR A 126 1.90 -21.79 0.60
N LYS A 127 2.31 -20.81 1.39
CA LYS A 127 2.76 -21.04 2.75
C LYS A 127 2.25 -19.90 3.64
N GLY A 128 1.50 -20.25 4.68
CA GLY A 128 1.06 -19.26 5.63
C GLY A 128 2.22 -18.82 6.53
N PRO A 129 2.10 -17.63 7.15
CA PRO A 129 3.16 -17.04 7.96
C PRO A 129 3.28 -17.67 9.34
N SER A 130 4.47 -17.53 9.91
CA SER A 130 4.70 -17.66 11.35
C SER A 130 4.66 -16.27 11.94
N VAL A 131 3.91 -16.07 13.02
CA VAL A 131 3.76 -14.75 13.61
C VAL A 131 4.37 -14.74 15.01
N PHE A 132 5.37 -13.86 15.21
CA PHE A 132 6.08 -13.76 16.47
C PHE A 132 5.87 -12.38 17.09
N PRO A 133 5.80 -12.27 18.44
CA PRO A 133 5.67 -10.97 19.08
C PRO A 133 6.98 -10.19 19.00
N LEU A 134 6.84 -8.87 18.82
CA LEU A 134 7.89 -7.90 19.10
C LEU A 134 7.55 -7.23 20.42
N ALA A 135 8.09 -7.77 21.52
CA ALA A 135 7.59 -7.41 22.84
C ALA A 135 8.03 -6.01 23.26
N PRO A 136 7.16 -5.20 23.89
CA PRO A 136 7.58 -3.91 24.43
C PRO A 136 8.49 -4.16 25.63
N SER A 137 9.48 -3.28 25.79
CA SER A 137 10.41 -3.34 26.91
C SER A 137 11.05 -1.96 27.09
N SER A 138 12.02 -1.91 28.00
CA SER A 138 12.80 -0.70 28.22
C SER A 138 13.57 -0.38 26.95
N LYS A 139 13.90 -1.41 26.15
CA LYS A 139 14.63 -1.21 24.92
C LYS A 139 13.76 -0.64 23.78
N SER A 140 12.46 -0.43 24.06
CA SER A 140 11.53 0.10 23.07
C SER A 140 10.67 1.24 23.63
N THR A 141 11.10 1.83 24.77
CA THR A 141 10.39 2.98 25.32
C THR A 141 11.07 4.29 24.93
N SER A 142 10.30 5.36 25.00
CA SER A 142 10.75 6.72 24.73
C SER A 142 9.72 7.70 25.26
N GLY A 143 10.11 8.51 26.25
CA GLY A 143 9.16 9.36 26.93
C GLY A 143 8.28 8.50 27.83
N GLY A 144 6.96 8.67 27.69
CA GLY A 144 6.02 7.72 28.25
C GLY A 144 5.33 6.93 27.14
N THR A 145 6.07 6.60 26.07
CA THR A 145 5.53 5.76 24.99
C THR A 145 6.42 4.53 24.79
N ALA A 146 5.77 3.44 24.37
CA ALA A 146 6.49 2.21 24.07
C ALA A 146 6.06 1.69 22.69
N ALA A 147 7.03 1.18 21.93
CA ALA A 147 6.78 0.48 20.68
C ALA A 147 6.59 -1.01 20.96
N LEU A 148 5.67 -1.63 20.24
CA LEU A 148 5.53 -3.08 20.20
C LEU A 148 5.09 -3.46 18.79
N GLY A 149 5.13 -4.76 18.46
CA GLY A 149 4.71 -5.20 17.14
C GLY A 149 4.61 -6.71 16.98
N CYS A 150 4.42 -7.13 15.71
CA CYS A 150 4.41 -8.51 15.30
C CYS A 150 5.28 -8.68 14.08
N LEU A 151 6.11 -9.70 14.14
CA LEU A 151 6.91 -10.17 13.04
C LEU A 151 6.14 -11.28 12.32
N VAL A 152 5.92 -11.08 11.01
CA VAL A 152 5.10 -11.94 10.19
C VAL A 152 6.04 -12.58 9.17
N LYS A 153 6.49 -13.81 9.46
CA LYS A 153 7.64 -14.39 8.79
C LYS A 153 7.26 -15.57 7.89
N ASP A 154 7.97 -15.67 6.76
CA ASP A 154 8.05 -16.89 5.99
C ASP A 154 6.73 -17.29 5.34
N TYR A 155 6.14 -16.40 4.51
CA TYR A 155 4.89 -16.73 3.84
C TYR A 155 5.07 -16.54 2.34
N PHE A 156 4.15 -17.14 1.59
CA PHE A 156 4.13 -16.99 0.15
C PHE A 156 2.73 -17.31 -0.36
N PRO A 157 2.17 -16.57 -1.34
CA PRO A 157 2.70 -15.31 -1.84
C PRO A 157 2.33 -14.10 -0.99
N GLU A 158 2.65 -12.90 -1.49
CA GLU A 158 2.03 -11.73 -0.90
C GLU A 158 0.54 -11.74 -1.16
N PRO A 159 -0.29 -10.94 -0.45
CA PRO A 159 0.05 -10.16 0.74
C PRO A 159 -0.47 -10.77 2.05
N VAL A 160 0.04 -10.24 3.15
CA VAL A 160 -0.65 -10.38 4.43
C VAL A 160 -1.29 -9.05 4.79
N THR A 161 -2.28 -9.07 5.67
CA THR A 161 -2.80 -7.84 6.24
C THR A 161 -2.63 -7.96 7.74
N VAL A 162 -2.46 -6.81 8.40
CA VAL A 162 -2.30 -6.81 9.85
C VAL A 162 -3.20 -5.72 10.43
N SER A 163 -4.08 -6.08 11.34
CA SER A 163 -4.78 -5.07 12.12
C SER A 163 -4.35 -5.22 13.58
N TRP A 164 -4.71 -4.22 14.39
CA TRP A 164 -4.40 -4.22 15.82
C TRP A 164 -5.70 -4.09 16.60
N ASN A 165 -5.91 -5.03 17.54
CA ASN A 165 -7.09 -5.02 18.40
C ASN A 165 -8.34 -4.92 17.53
N SER A 166 -8.39 -5.77 16.50
CA SER A 166 -9.50 -5.84 15.54
C SER A 166 -9.83 -4.50 14.88
N GLY A 167 -8.85 -3.60 14.73
CA GLY A 167 -9.05 -2.36 14.01
C GLY A 167 -9.34 -1.19 14.94
N ALA A 168 -9.39 -1.44 16.26
CA ALA A 168 -9.60 -0.38 17.25
C ALA A 168 -8.34 0.48 17.40
N LEU A 169 -7.17 -0.11 17.11
CA LEU A 169 -5.93 0.64 17.20
C LEU A 169 -5.37 0.86 15.80
N THR A 170 -5.28 2.15 15.39
CA THR A 170 -4.84 2.54 14.06
C THR A 170 -3.75 3.62 14.11
N SER A 171 -3.85 4.52 15.09
CA SER A 171 -2.87 5.57 15.29
C SER A 171 -1.53 5.01 15.76
N GLY A 172 -0.46 5.41 15.07
CA GLY A 172 0.90 4.97 15.38
C GLY A 172 1.31 3.69 14.67
N VAL A 173 0.40 3.10 13.89
CA VAL A 173 0.67 1.80 13.30
C VAL A 173 1.52 2.04 12.07
N HIS A 174 2.63 1.30 11.96
CA HIS A 174 3.38 1.22 10.73
C HIS A 174 3.51 -0.24 10.34
N THR A 175 2.81 -0.65 9.25
CA THR A 175 3.04 -1.98 8.70
C THR A 175 4.01 -1.82 7.53
N PHE A 176 5.16 -2.45 7.61
CA PHE A 176 6.22 -2.27 6.63
C PHE A 176 5.88 -3.05 5.35
N PRO A 177 6.39 -2.57 4.20
CA PRO A 177 6.45 -3.39 3.00
C PRO A 177 7.15 -4.71 3.29
N ALA A 178 6.64 -5.76 2.65
CA ALA A 178 7.27 -7.06 2.72
C ALA A 178 8.61 -7.02 2.02
N VAL A 179 9.49 -7.88 2.50
CA VAL A 179 10.75 -8.13 1.84
C VAL A 179 10.81 -9.59 1.43
N LEU A 180 11.40 -9.84 0.25
CA LEU A 180 11.64 -11.18 -0.24
C LEU A 180 12.93 -11.72 0.35
N GLN A 181 12.86 -12.85 1.06
CA GLN A 181 14.00 -13.46 1.71
C GLN A 181 14.69 -14.36 0.69
N SER A 182 15.93 -14.76 0.99
CA SER A 182 16.72 -15.59 0.09
C SER A 182 16.03 -16.93 -0.12
N SER A 183 15.20 -17.34 0.86
CA SER A 183 14.43 -18.57 0.83
C SER A 183 13.33 -18.58 -0.23
N GLY A 184 13.01 -17.40 -0.79
CA GLY A 184 11.87 -17.26 -1.69
C GLY A 184 10.56 -16.93 -0.96
N LEU A 185 10.60 -16.84 0.38
CA LEU A 185 9.44 -16.47 1.20
C LEU A 185 9.54 -15.01 1.59
N TYR A 186 8.37 -14.39 1.89
CA TYR A 186 8.29 -13.01 2.30
C TYR A 186 8.25 -12.91 3.83
N SER A 187 8.61 -11.73 4.32
CA SER A 187 8.54 -11.41 5.74
C SER A 187 8.20 -9.93 5.91
N LEU A 188 7.46 -9.56 6.96
CA LEU A 188 7.25 -8.16 7.27
C LEU A 188 6.99 -8.02 8.77
N SER A 189 7.20 -6.80 9.30
CA SER A 189 6.77 -6.45 10.64
C SER A 189 5.70 -5.36 10.59
N SER A 190 4.83 -5.39 11.59
CA SER A 190 3.91 -4.32 11.88
C SER A 190 4.20 -3.84 13.29
N VAL A 191 4.30 -2.52 13.47
CA VAL A 191 4.63 -1.94 14.76
C VAL A 191 3.64 -0.84 15.10
N VAL A 192 3.53 -0.60 16.41
CA VAL A 192 2.71 0.49 16.92
C VAL A 192 3.37 1.06 18.20
N THR A 193 3.16 2.36 18.44
CA THR A 193 3.58 2.99 19.67
C THR A 193 2.35 3.30 20.50
N VAL A 194 2.45 3.02 21.80
CA VAL A 194 1.36 3.16 22.74
C VAL A 194 1.87 3.82 24.03
N PRO A 195 0.97 4.32 24.92
CA PRO A 195 1.38 4.76 26.26
C PRO A 195 2.03 3.64 27.08
N SER A 196 3.26 3.89 27.57
CA SER A 196 3.95 2.96 28.46
C SER A 196 3.09 2.68 29.69
N SER A 197 2.36 3.70 30.12
CA SER A 197 1.40 3.56 31.22
C SER A 197 0.39 2.44 30.96
N SER A 198 0.08 2.15 29.69
CA SER A 198 -1.02 1.26 29.35
C SER A 198 -0.61 -0.21 29.32
N LEU A 199 0.70 -0.50 29.42
CA LEU A 199 1.20 -1.85 29.14
C LEU A 199 0.71 -2.86 30.17
N GLY A 200 0.29 -2.38 31.35
CA GLY A 200 -0.11 -3.27 32.42
C GLY A 200 -1.59 -3.67 32.33
N THR A 201 -2.40 -2.80 31.73
CA THR A 201 -3.85 -2.96 31.77
C THR A 201 -4.48 -3.07 30.38
N GLN A 202 -3.72 -2.74 29.31
CA GLN A 202 -4.28 -2.75 27.97
C GLN A 202 -3.72 -3.93 27.17
N THR A 203 -4.62 -4.75 26.61
CA THR A 203 -4.22 -5.89 25.81
C THR A 203 -3.88 -5.42 24.40
N TYR A 204 -2.79 -5.96 23.82
CA TYR A 204 -2.44 -5.69 22.44
C TYR A 204 -2.31 -7.02 21.69
N ILE A 205 -3.10 -7.17 20.63
CA ILE A 205 -3.17 -8.36 19.80
C ILE A 205 -3.03 -7.92 18.35
N CYS A 206 -2.17 -8.59 17.60
CA CYS A 206 -2.16 -8.35 16.16
C CYS A 206 -2.98 -9.44 15.47
N ASN A 207 -3.77 -9.02 14.49
CA ASN A 207 -4.69 -9.87 13.77
C ASN A 207 -4.13 -10.00 12.35
N VAL A 208 -3.57 -11.17 12.03
CA VAL A 208 -2.81 -11.35 10.80
C VAL A 208 -3.66 -12.21 9.87
N ASN A 209 -3.86 -11.75 8.62
CA ASN A 209 -4.57 -12.55 7.64
C ASN A 209 -3.60 -12.86 6.50
N HIS A 210 -3.66 -14.10 6.02
CA HIS A 210 -2.96 -14.49 4.79
C HIS A 210 -3.99 -15.20 3.91
N LYS A 211 -4.74 -14.38 3.17
CA LYS A 211 -5.84 -14.86 2.39
C LYS A 211 -5.38 -15.90 1.35
N PRO A 212 -4.21 -15.77 0.69
CA PRO A 212 -3.84 -16.78 -0.32
C PRO A 212 -3.70 -18.21 0.18
N SER A 213 -3.41 -18.39 1.48
CA SER A 213 -3.36 -19.71 2.10
C SER A 213 -4.63 -20.02 2.90
N ASN A 214 -5.59 -19.11 2.93
CA ASN A 214 -6.81 -19.26 3.70
C ASN A 214 -6.50 -19.42 5.18
N THR A 215 -5.54 -18.64 5.70
CA THR A 215 -5.19 -18.72 7.11
C THR A 215 -5.27 -17.36 7.81
N LYS A 216 -5.49 -17.39 9.12
CA LYS A 216 -5.57 -16.20 9.96
C LYS A 216 -4.98 -16.59 11.30
N VAL A 217 -4.34 -15.60 11.98
CA VAL A 217 -3.93 -15.83 13.36
C VAL A 217 -3.99 -14.55 14.17
N ASP A 218 -4.23 -14.69 15.49
CA ASP A 218 -4.11 -13.59 16.42
C ASP A 218 -2.90 -13.90 17.29
N LYS A 219 -2.08 -12.89 17.57
CA LYS A 219 -0.91 -13.05 18.43
C LYS A 219 -0.96 -11.98 19.51
N ARG A 220 -1.07 -12.41 20.77
CA ARG A 220 -1.07 -11.49 21.90
C ARG A 220 0.38 -11.04 22.08
N VAL A 221 0.59 -9.74 22.30
CA VAL A 221 1.94 -9.23 22.44
C VAL A 221 2.08 -8.67 23.85
N GLU A 222 2.90 -9.36 24.65
CA GLU A 222 3.04 -9.08 26.07
C GLU A 222 4.41 -8.45 26.37
N PRO A 223 4.50 -7.56 27.38
CA PRO A 223 5.81 -7.02 27.80
C PRO A 223 6.83 -8.05 28.27
N ASP B 1 -5.87 3.46 -29.83
CA ASP B 1 -6.02 3.87 -28.42
C ASP B 1 -5.25 5.15 -28.14
N ILE B 2 -5.73 5.90 -27.16
CA ILE B 2 -5.05 7.08 -26.70
C ILE B 2 -4.00 6.73 -25.65
N VAL B 3 -2.79 7.26 -25.89
CA VAL B 3 -1.68 7.14 -24.96
C VAL B 3 -1.62 8.40 -24.12
N ILE B 4 -1.60 8.20 -22.80
CA ILE B 4 -1.54 9.27 -21.81
C ILE B 4 -0.18 9.18 -21.13
N THR B 5 0.55 10.31 -21.11
CA THR B 5 1.92 10.36 -20.59
C THR B 5 1.99 11.38 -19.47
N GLN B 6 2.62 11.00 -18.36
CA GLN B 6 2.95 11.89 -17.26
C GLN B 6 4.43 11.72 -16.88
N ASP B 7 4.97 12.66 -16.13
CA ASP B 7 6.27 12.49 -15.50
C ASP B 7 6.20 11.59 -14.26
N GLU B 8 7.27 10.81 -14.09
CA GLU B 8 7.38 9.82 -13.02
C GLU B 8 7.45 10.51 -11.65
N LEU B 9 8.20 11.61 -11.61
CA LEU B 9 8.43 12.33 -10.37
C LEU B 9 8.06 13.81 -10.53
N SER B 10 7.64 14.37 -9.39
CA SER B 10 7.45 15.80 -9.19
C SER B 10 8.54 16.25 -8.23
N SER B 11 9.17 17.40 -8.52
CA SER B 11 10.26 17.88 -7.68
C SER B 11 9.70 18.18 -6.29
N PRO B 12 10.21 17.53 -5.22
CA PRO B 12 9.59 17.65 -3.90
C PRO B 12 9.41 19.13 -3.55
N VAL B 13 8.41 19.34 -2.71
CA VAL B 13 7.85 20.64 -2.42
C VAL B 13 7.73 20.71 -0.91
N THR B 14 7.83 21.90 -0.34
CA THR B 14 7.64 22.12 1.08
C THR B 14 6.18 22.52 1.32
N SER B 15 5.65 22.17 2.50
CA SER B 15 4.28 22.55 2.84
C SER B 15 4.07 24.03 2.62
N GLY B 16 2.97 24.40 1.93
CA GLY B 16 2.63 25.77 1.61
C GLY B 16 3.07 26.20 0.20
N GLU B 17 4.03 25.49 -0.40
CA GLU B 17 4.47 25.80 -1.75
C GLU B 17 3.45 25.23 -2.73
N SER B 18 3.43 25.80 -3.94
CA SER B 18 2.53 25.35 -4.99
C SER B 18 3.20 24.20 -5.69
N VAL B 19 2.41 23.33 -6.34
CA VAL B 19 3.01 22.36 -7.22
C VAL B 19 2.11 22.13 -8.42
N SER B 20 2.74 21.65 -9.49
CA SER B 20 2.12 21.52 -10.79
C SER B 20 2.49 20.18 -11.42
N ILE B 21 1.48 19.37 -11.74
CA ILE B 21 1.70 18.05 -12.31
C ILE B 21 1.08 18.00 -13.70
N SER B 22 1.85 17.54 -14.68
CA SER B 22 1.38 17.57 -16.04
C SER B 22 1.04 16.19 -16.57
N CYS B 23 0.23 16.21 -17.60
CA CYS B 23 -0.26 15.02 -18.25
C CYS B 23 -0.44 15.37 -19.72
N ARG B 24 -0.25 14.43 -20.64
CA ARG B 24 -0.48 14.72 -22.04
C ARG B 24 -1.08 13.51 -22.74
N SER B 25 -1.91 13.77 -23.77
CA SER B 25 -2.57 12.74 -24.52
C SER B 25 -2.08 12.77 -25.97
N SER B 26 -2.14 11.61 -26.60
CA SER B 26 -1.70 11.42 -27.97
C SER B 26 -2.77 11.90 -28.95
N LYS B 27 -4.01 12.08 -28.46
CA LYS B 27 -5.15 12.59 -29.24
C LYS B 27 -5.86 13.65 -28.40
N SER B 28 -6.61 14.54 -29.05
CA SER B 28 -7.38 15.53 -28.32
C SER B 28 -8.47 14.85 -27.47
N LEU B 29 -8.67 15.36 -26.25
CA LEU B 29 -9.74 14.91 -25.36
C LEU B 29 -10.88 15.94 -25.30
N LEU B 30 -10.81 16.99 -26.14
CA LEU B 30 -11.87 17.96 -26.29
C LEU B 30 -12.92 17.38 -27.23
N TYR B 31 -14.14 17.20 -26.72
CA TYR B 31 -15.25 16.72 -27.53
C TYR B 31 -16.04 17.88 -28.15
N LYS B 32 -16.98 17.52 -29.03
CA LYS B 32 -17.68 18.49 -29.86
C LYS B 32 -18.53 19.41 -29.00
N ASP B 33 -18.92 18.95 -27.80
CA ASP B 33 -19.72 19.72 -26.87
C ASP B 33 -18.87 20.73 -26.09
N GLY B 34 -17.58 20.86 -26.39
CA GLY B 34 -16.76 21.84 -25.68
C GLY B 34 -16.16 21.37 -24.35
N LYS B 35 -16.50 20.14 -23.94
CA LYS B 35 -15.97 19.60 -22.69
C LYS B 35 -14.78 18.68 -22.96
N THR B 36 -13.86 18.63 -22.00
CA THR B 36 -12.63 17.87 -22.14
C THR B 36 -12.66 16.73 -21.12
N TYR B 37 -12.56 15.49 -21.62
CA TYR B 37 -12.91 14.29 -20.82
C TYR B 37 -11.64 13.73 -20.20
N LEU B 38 -11.11 14.48 -19.23
CA LEU B 38 -9.91 14.14 -18.49
C LEU B 38 -10.18 14.20 -16.99
N ASN B 39 -9.78 13.14 -16.28
CA ASN B 39 -9.98 13.02 -14.85
C ASN B 39 -8.59 12.95 -14.18
N TRP B 40 -8.53 13.43 -12.94
CA TRP B 40 -7.39 13.32 -12.06
C TRP B 40 -7.79 12.53 -10.83
N PHE B 41 -6.93 11.59 -10.45
CA PHE B 41 -7.08 10.84 -9.20
C PHE B 41 -5.81 10.93 -8.34
N LEU B 42 -6.00 10.82 -7.03
CA LEU B 42 -4.92 10.65 -6.08
C LEU B 42 -5.04 9.27 -5.44
N GLN B 43 -3.95 8.48 -5.52
CA GLN B 43 -3.86 7.25 -4.77
C GLN B 43 -2.89 7.41 -3.62
N ARG B 44 -3.44 7.40 -2.41
CA ARG B 44 -2.64 7.48 -1.19
C ARG B 44 -2.06 6.10 -0.91
N PRO B 45 -0.94 6.02 -0.16
CA PRO B 45 -0.28 4.73 0.07
C PRO B 45 -1.22 3.65 0.63
N GLY B 46 -1.29 2.50 -0.07
CA GLY B 46 -2.06 1.34 0.33
C GLY B 46 -3.54 1.38 -0.09
N GLN B 47 -4.00 2.53 -0.63
CA GLN B 47 -5.42 2.71 -0.86
C GLN B 47 -5.77 2.72 -2.34
N SER B 48 -7.08 2.70 -2.60
CA SER B 48 -7.56 2.84 -3.96
C SER B 48 -7.38 4.28 -4.42
N PRO B 49 -7.34 4.52 -5.76
CA PRO B 49 -7.41 5.87 -6.29
C PRO B 49 -8.69 6.57 -5.85
N GLN B 50 -8.63 7.90 -5.69
CA GLN B 50 -9.79 8.69 -5.36
C GLN B 50 -9.89 9.88 -6.30
N ILE B 51 -11.06 10.10 -6.89
CA ILE B 51 -11.29 11.18 -7.87
C ILE B 51 -11.02 12.55 -7.25
N LEU B 52 -10.34 13.43 -8.01
CA LEU B 52 -10.08 14.81 -7.63
C LEU B 52 -10.80 15.79 -8.56
N ILE B 53 -10.60 15.60 -9.85
CA ILE B 53 -11.06 16.50 -10.90
C ILE B 53 -11.68 15.66 -12.00
N TYR B 54 -12.82 16.11 -12.54
CA TYR B 54 -13.33 15.56 -13.77
C TYR B 54 -13.66 16.71 -14.75
N LEU B 55 -13.91 16.36 -16.00
CA LEU B 55 -14.06 17.32 -17.09
C LEU B 55 -12.91 18.35 -17.10
N MET B 56 -11.71 17.87 -16.82
CA MET B 56 -10.47 18.61 -16.88
C MET B 56 -10.34 19.66 -15.77
N SER B 57 -11.42 20.27 -15.31
CA SER B 57 -11.26 21.34 -14.32
C SER B 57 -12.37 21.42 -13.28
N THR B 58 -13.29 20.43 -13.19
CA THR B 58 -14.29 20.44 -12.13
C THR B 58 -13.83 19.60 -10.93
N ARG B 59 -13.83 20.21 -9.73
CA ARG B 59 -13.55 19.47 -8.50
C ARG B 59 -14.70 18.53 -8.15
N ALA B 60 -14.36 17.30 -7.74
CA ALA B 60 -15.34 16.32 -7.32
C ALA B 60 -15.75 16.63 -5.88
N SER B 61 -16.68 15.82 -5.36
CA SER B 61 -17.13 15.85 -3.97
C SER B 61 -16.00 15.90 -2.96
N GLY B 62 -16.03 16.93 -2.10
CA GLY B 62 -15.19 16.95 -0.92
C GLY B 62 -13.70 17.12 -1.24
N VAL B 63 -13.41 17.61 -2.45
CA VAL B 63 -12.05 17.84 -2.89
C VAL B 63 -11.69 19.27 -2.55
N SER B 64 -10.56 19.43 -1.84
CA SER B 64 -10.08 20.71 -1.36
C SER B 64 -10.02 21.72 -2.51
N ASP B 65 -10.32 22.98 -2.19
CA ASP B 65 -10.28 24.01 -3.22
C ASP B 65 -8.84 24.38 -3.56
N ARG B 66 -7.84 23.74 -2.92
CA ARG B 66 -6.45 23.91 -3.31
C ARG B 66 -6.10 23.21 -4.63
N PHE B 67 -6.99 22.29 -5.08
CA PHE B 67 -6.74 21.57 -6.31
C PHE B 67 -7.50 22.26 -7.44
N SER B 68 -6.86 22.39 -8.62
CA SER B 68 -7.51 22.86 -9.82
C SER B 68 -6.85 22.25 -11.04
N GLY B 69 -7.59 22.21 -12.16
CA GLY B 69 -7.09 21.62 -13.40
C GLY B 69 -7.25 22.58 -14.57
N SER B 70 -6.36 22.49 -15.56
CA SER B 70 -6.52 23.22 -16.81
C SER B 70 -5.88 22.43 -17.95
N GLY B 71 -5.94 22.99 -19.18
CA GLY B 71 -5.13 22.49 -20.27
C GLY B 71 -5.72 22.78 -21.64
N SER B 72 -5.03 22.31 -22.68
CA SER B 72 -5.48 22.38 -24.06
C SER B 72 -6.30 21.14 -24.43
N GLY B 73 -6.29 20.75 -25.71
CA GLY B 73 -6.90 19.50 -26.15
C GLY B 73 -6.05 18.29 -25.74
N THR B 74 -4.74 18.51 -25.53
CA THR B 74 -3.78 17.42 -25.44
C THR B 74 -2.74 17.62 -24.34
N ASP B 75 -2.68 18.79 -23.69
CA ASP B 75 -1.77 19.04 -22.59
C ASP B 75 -2.48 19.56 -21.34
N PHE B 76 -2.25 18.92 -20.18
CA PHE B 76 -3.04 19.22 -18.99
C PHE B 76 -2.17 19.38 -17.76
N THR B 77 -2.73 20.12 -16.81
CA THR B 77 -2.05 20.44 -15.58
C THR B 77 -2.98 20.33 -14.39
N LEU B 78 -2.51 19.58 -13.40
CA LEU B 78 -3.06 19.62 -12.07
C LEU B 78 -2.19 20.57 -11.23
N GLU B 79 -2.89 21.52 -10.60
CA GLU B 79 -2.28 22.56 -9.79
C GLU B 79 -2.72 22.39 -8.34
N ILE B 80 -1.75 22.24 -7.45
CA ILE B 80 -2.00 22.27 -6.01
C ILE B 80 -1.41 23.59 -5.51
N SER B 81 -2.26 24.44 -4.95
CA SER B 81 -1.90 25.84 -4.73
C SER B 81 -1.01 25.93 -3.49
N ARG B 82 -1.45 25.30 -2.39
CA ARG B 82 -0.72 25.29 -1.13
C ARG B 82 -0.63 23.86 -0.59
N VAL B 83 0.39 23.14 -1.04
CA VAL B 83 0.54 21.72 -0.79
C VAL B 83 0.49 21.45 0.71
N LYS B 84 -0.10 20.31 1.09
CA LYS B 84 -0.15 19.88 2.49
C LYS B 84 0.29 18.43 2.62
N ALA B 85 0.44 17.99 3.87
CA ALA B 85 0.98 16.68 4.20
C ALA B 85 0.16 15.58 3.52
N GLU B 86 -1.17 15.74 3.53
CA GLU B 86 -2.12 14.71 3.16
C GLU B 86 -2.20 14.54 1.64
N ASP B 87 -1.53 15.42 0.91
CA ASP B 87 -1.48 15.37 -0.53
C ASP B 87 -0.53 14.30 -1.05
N VAL B 88 0.26 13.68 -0.15
CA VAL B 88 1.31 12.77 -0.58
C VAL B 88 0.66 11.52 -1.18
N GLY B 89 1.28 10.97 -2.24
CA GLY B 89 0.72 9.85 -2.96
C GLY B 89 1.10 9.92 -4.43
N VAL B 90 0.39 9.12 -5.25
CA VAL B 90 0.59 9.12 -6.69
C VAL B 90 -0.66 9.70 -7.32
N TYR B 91 -0.45 10.63 -8.26
CA TYR B 91 -1.48 11.29 -9.04
C TYR B 91 -1.54 10.63 -10.41
N TYR B 92 -2.77 10.30 -10.86
CA TYR B 92 -3.00 9.74 -12.17
C TYR B 92 -4.01 10.59 -12.95
N CYS B 93 -3.68 10.82 -14.22
CA CYS B 93 -4.66 11.32 -15.17
C CYS B 93 -5.26 10.14 -15.91
N GLN B 94 -6.51 10.31 -16.33
CA GLN B 94 -7.24 9.31 -17.07
C GLN B 94 -8.08 10.02 -18.13
N GLN B 95 -8.03 9.54 -19.38
CA GLN B 95 -8.93 10.03 -20.41
C GLN B 95 -10.13 9.09 -20.44
N VAL B 96 -11.31 9.69 -20.55
CA VAL B 96 -12.55 8.94 -20.74
C VAL B 96 -13.36 9.44 -21.93
N VAL B 97 -12.69 10.05 -22.95
CA VAL B 97 -13.41 10.55 -24.13
C VAL B 97 -13.82 9.41 -25.05
N GLU B 98 -13.14 8.26 -24.93
CA GLU B 98 -13.37 7.11 -25.78
C GLU B 98 -12.96 5.85 -25.02
N TYR B 99 -13.58 4.75 -25.40
CA TYR B 99 -13.02 3.45 -25.00
C TYR B 99 -11.90 3.04 -25.97
N PRO B 100 -10.84 2.36 -25.48
CA PRO B 100 -10.71 2.02 -24.06
C PRO B 100 -10.28 3.21 -23.25
N TYR B 101 -10.74 3.31 -21.99
CA TYR B 101 -10.21 4.31 -21.10
C TYR B 101 -8.73 4.01 -20.87
N THR B 102 -7.93 5.06 -20.74
CA THR B 102 -6.50 4.91 -20.56
C THR B 102 -6.01 5.90 -19.52
N PHE B 103 -4.94 5.47 -18.85
CA PHE B 103 -4.40 6.22 -17.74
C PHE B 103 -2.94 6.58 -18.00
N GLY B 104 -2.50 7.65 -17.37
CA GLY B 104 -1.08 7.97 -17.30
C GLY B 104 -0.37 7.05 -16.33
N GLY B 105 0.96 7.14 -16.34
CA GLY B 105 1.78 6.19 -15.60
C GLY B 105 1.85 6.56 -14.12
N GLY B 106 1.36 7.76 -13.78
CA GLY B 106 1.35 8.21 -12.41
C GLY B 106 2.55 9.12 -12.10
N THR B 107 2.32 10.06 -11.19
CA THR B 107 3.33 11.01 -10.71
C THR B 107 3.31 10.96 -9.20
N LYS B 108 4.42 10.51 -8.60
CA LYS B 108 4.57 10.48 -7.15
C LYS B 108 4.90 11.88 -6.65
N LEU B 109 4.20 12.27 -5.58
CA LEU B 109 4.47 13.51 -4.89
C LEU B 109 5.03 13.17 -3.52
N GLU B 110 6.23 13.71 -3.24
CA GLU B 110 6.84 13.70 -1.93
C GLU B 110 6.89 15.15 -1.43
N ILE B 111 6.77 15.32 -0.11
CA ILE B 111 6.81 16.63 0.50
C ILE B 111 8.14 16.73 1.24
N LYS B 112 8.72 17.95 1.28
CA LYS B 112 9.94 18.21 2.05
C LYS B 112 9.53 18.84 3.37
N ARG B 113 10.27 18.55 4.43
CA ARG B 113 9.96 19.09 5.75
C ARG B 113 11.28 19.27 6.51
N THR B 114 11.19 19.68 7.79
CA THR B 114 12.36 19.85 8.64
C THR B 114 12.98 18.49 8.98
N VAL B 115 14.32 18.48 9.11
CA VAL B 115 15.09 17.30 9.49
C VAL B 115 14.54 16.80 10.82
N ALA B 116 14.36 15.48 10.95
CA ALA B 116 13.80 14.87 12.14
C ALA B 116 14.52 13.55 12.40
N ALA B 117 15.04 13.43 13.63
CA ALA B 117 15.85 12.28 14.01
C ALA B 117 14.95 11.07 14.22
N PRO B 118 15.41 9.84 13.91
CA PRO B 118 14.65 8.64 14.25
C PRO B 118 14.64 8.35 15.75
N SER B 119 13.48 7.96 16.29
CA SER B 119 13.45 7.18 17.53
C SER B 119 13.87 5.76 17.20
N VAL B 120 14.83 5.23 17.96
CA VAL B 120 15.41 3.94 17.66
C VAL B 120 15.03 2.94 18.76
N PHE B 121 14.55 1.76 18.33
CA PHE B 121 14.01 0.77 19.24
C PHE B 121 14.54 -0.58 18.79
N ILE B 122 14.81 -1.48 19.76
CA ILE B 122 15.36 -2.78 19.43
C ILE B 122 14.56 -3.88 20.14
N PHE B 123 14.45 -5.02 19.43
CA PHE B 123 13.55 -6.12 19.77
C PHE B 123 14.33 -7.41 19.65
N PRO B 124 14.62 -8.09 20.79
CA PRO B 124 15.25 -9.41 20.74
C PRO B 124 14.30 -10.39 20.07
N PRO B 125 14.80 -11.57 19.66
CA PRO B 125 13.93 -12.62 19.14
C PRO B 125 13.03 -13.18 20.24
N SER B 126 11.85 -13.67 19.85
CA SER B 126 10.94 -14.31 20.78
C SER B 126 11.46 -15.70 21.13
N ASP B 127 11.17 -16.15 22.36
CA ASP B 127 11.46 -17.51 22.78
C ASP B 127 10.78 -18.50 21.84
N GLU B 128 9.54 -18.17 21.43
CA GLU B 128 8.81 -19.00 20.47
C GLU B 128 9.59 -19.19 19.17
N GLN B 129 10.12 -18.10 18.57
CA GLN B 129 10.90 -18.24 17.35
C GLN B 129 12.15 -19.08 17.58
N LEU B 130 12.83 -18.81 18.70
CA LEU B 130 14.09 -19.51 18.98
C LEU B 130 13.88 -21.01 19.02
N LYS B 131 12.78 -21.47 19.65
CA LYS B 131 12.50 -22.89 19.74
C LYS B 131 12.53 -23.55 18.36
N SER B 132 12.22 -22.78 17.32
CA SER B 132 12.13 -23.35 15.98
C SER B 132 13.44 -23.18 15.19
N GLY B 133 14.48 -22.62 15.82
CA GLY B 133 15.83 -22.68 15.28
C GLY B 133 16.31 -21.46 14.50
N THR B 134 15.57 -20.34 14.55
CA THR B 134 16.01 -19.10 13.92
C THR B 134 15.87 -17.95 14.91
N ALA B 135 16.73 -16.95 14.78
CA ALA B 135 16.58 -15.72 15.54
C ALA B 135 16.49 -14.52 14.60
N SER B 136 15.43 -13.73 14.78
CA SER B 136 15.21 -12.46 14.09
C SER B 136 15.29 -11.34 15.13
N VAL B 137 16.23 -10.43 14.92
CA VAL B 137 16.40 -9.25 15.76
C VAL B 137 15.97 -8.05 14.93
N VAL B 138 15.13 -7.21 15.52
CA VAL B 138 14.51 -6.13 14.79
C VAL B 138 14.92 -4.81 15.43
N CYS B 139 15.36 -3.91 14.56
CA CYS B 139 15.64 -2.53 14.91
C CYS B 139 14.69 -1.63 14.16
N LEU B 140 14.01 -0.74 14.90
CA LEU B 140 13.03 0.16 14.33
C LEU B 140 13.51 1.61 14.43
N LEU B 141 13.51 2.30 13.28
CA LEU B 141 13.71 3.73 13.24
C LEU B 141 12.36 4.36 12.95
N ASN B 142 11.79 5.06 13.95
CA ASN B 142 10.46 5.63 13.81
C ASN B 142 10.50 7.13 13.52
N ASN B 143 9.77 7.53 12.46
CA ASN B 143 9.36 8.91 12.22
C ASN B 143 10.55 9.85 11.99
N PHE B 144 11.29 9.66 10.90
CA PHE B 144 12.43 10.51 10.61
C PHE B 144 12.32 11.14 9.22
N TYR B 145 13.16 12.14 8.98
CA TYR B 145 13.27 12.82 7.69
C TYR B 145 14.66 13.45 7.61
N PRO B 146 15.38 13.40 6.46
CA PRO B 146 14.94 12.67 5.26
C PRO B 146 15.04 11.15 5.35
N ARG B 147 14.76 10.47 4.23
CA ARG B 147 14.64 9.02 4.19
C ARG B 147 16.03 8.36 4.31
N GLU B 148 17.11 9.08 3.97
CA GLU B 148 18.42 8.44 3.94
C GLU B 148 18.81 8.12 5.39
N ALA B 149 19.27 6.90 5.63
CA ALA B 149 19.72 6.46 6.94
C ALA B 149 20.61 5.25 6.78
N LYS B 150 21.55 5.08 7.71
CA LYS B 150 22.41 3.90 7.71
C LYS B 150 22.16 3.16 9.02
N VAL B 151 21.98 1.85 8.90
CA VAL B 151 21.79 1.01 10.07
C VAL B 151 22.81 -0.09 9.96
N GLN B 152 23.71 -0.16 10.96
CA GLN B 152 24.71 -1.21 11.01
C GLN B 152 24.43 -2.06 12.23
N TRP B 153 24.58 -3.37 12.05
CA TRP B 153 24.47 -4.31 13.14
C TRP B 153 25.85 -4.70 13.64
N LYS B 154 25.99 -4.79 14.97
CA LYS B 154 27.21 -5.26 15.61
C LYS B 154 26.85 -6.38 16.58
N VAL B 155 27.55 -7.51 16.46
CA VAL B 155 27.36 -8.63 17.39
C VAL B 155 28.68 -8.83 18.14
N ASP B 156 28.66 -8.61 19.47
CA ASP B 156 29.88 -8.66 20.25
C ASP B 156 30.91 -7.79 19.56
N ASN B 157 30.46 -6.60 19.15
CA ASN B 157 31.27 -5.54 18.58
C ASN B 157 31.83 -5.86 17.19
N ALA B 158 31.49 -7.01 16.61
CA ALA B 158 31.81 -7.31 15.22
C ALA B 158 30.71 -6.78 14.29
N LEU B 159 31.10 -5.98 13.28
CA LEU B 159 30.18 -5.46 12.27
C LEU B 159 29.65 -6.61 11.42
N GLN B 160 28.33 -6.62 11.20
CA GLN B 160 27.69 -7.69 10.46
C GLN B 160 27.56 -7.31 9.00
N SER B 161 27.60 -8.30 8.13
CA SER B 161 27.44 -8.08 6.70
C SER B 161 26.64 -9.21 6.08
N GLY B 162 25.66 -8.84 5.23
CA GLY B 162 24.98 -9.82 4.39
C GLY B 162 23.91 -10.65 5.11
N ASN B 163 23.52 -10.31 6.34
CA ASN B 163 22.55 -11.11 7.09
C ASN B 163 21.43 -10.22 7.66
N SER B 164 21.19 -9.07 7.04
CA SER B 164 20.13 -8.17 7.48
C SER B 164 19.33 -7.68 6.28
N GLN B 165 18.07 -7.31 6.48
CA GLN B 165 17.31 -6.69 5.41
C GLN B 165 16.54 -5.51 6.00
N GLU B 166 16.33 -4.48 5.17
CA GLU B 166 15.63 -3.28 5.57
C GLU B 166 14.35 -3.10 4.76
N SER B 167 13.40 -2.37 5.33
CA SER B 167 12.18 -2.01 4.65
C SER B 167 11.77 -0.65 5.18
N VAL B 168 11.21 0.18 4.29
CA VAL B 168 10.86 1.55 4.61
C VAL B 168 9.41 1.84 4.20
N THR B 169 8.70 2.59 5.04
CA THR B 169 7.35 3.01 4.74
C THR B 169 7.40 4.15 3.74
N GLU B 170 6.26 4.37 3.09
CA GLU B 170 6.03 5.56 2.29
C GLU B 170 5.84 6.71 3.25
N GLN B 171 5.93 7.92 2.71
CA GLN B 171 5.87 9.12 3.51
C GLN B 171 4.52 9.19 4.21
N ASP B 172 4.56 9.41 5.52
CA ASP B 172 3.37 9.54 6.33
C ASP B 172 2.55 10.76 5.90
N SER B 173 1.23 10.56 5.85
CA SER B 173 0.33 11.56 5.31
C SER B 173 -0.04 12.62 6.36
N LYS B 174 0.37 12.48 7.63
CA LYS B 174 0.16 13.52 8.63
C LYS B 174 1.42 14.31 8.98
N ASP B 175 2.58 13.65 9.04
CA ASP B 175 3.77 14.31 9.57
C ASP B 175 4.93 14.25 8.57
N SER B 176 4.74 13.59 7.42
CA SER B 176 5.67 13.60 6.31
C SER B 176 6.99 12.92 6.67
N THR B 177 6.98 12.03 7.67
CA THR B 177 8.16 11.27 8.04
C THR B 177 8.14 9.89 7.37
N TYR B 178 9.27 9.19 7.49
CA TYR B 178 9.40 7.79 7.15
C TYR B 178 9.74 6.98 8.39
N SER B 179 9.46 5.68 8.34
CA SER B 179 9.92 4.76 9.36
C SER B 179 10.57 3.60 8.64
N LEU B 180 11.45 2.88 9.34
CA LEU B 180 12.27 1.87 8.71
C LEU B 180 12.53 0.77 9.74
N SER B 181 12.50 -0.48 9.25
CA SER B 181 12.82 -1.67 10.00
C SER B 181 14.11 -2.23 9.45
N SER B 182 14.99 -2.71 10.35
CA SER B 182 16.12 -3.52 9.96
C SER B 182 16.07 -4.82 10.74
N THR B 183 16.06 -5.93 10.00
CA THR B 183 15.95 -7.24 10.60
C THR B 183 17.23 -8.02 10.32
N LEU B 184 17.86 -8.45 11.43
CA LEU B 184 19.04 -9.31 11.41
C LEU B 184 18.60 -10.74 11.67
N THR B 185 18.99 -11.67 10.79
CA THR B 185 18.58 -13.05 10.87
C THR B 185 19.76 -13.97 11.16
N LEU B 186 19.66 -14.73 12.26
CA LEU B 186 20.70 -15.67 12.64
C LEU B 186 20.08 -17.04 12.89
N SER B 187 20.92 -18.08 12.83
CA SER B 187 20.51 -19.38 13.33
C SER B 187 20.45 -19.30 14.86
N LYS B 188 19.67 -20.18 15.46
CA LYS B 188 19.61 -20.33 16.90
C LYS B 188 21.01 -20.56 17.48
N ALA B 189 21.81 -21.39 16.77
CA ALA B 189 23.15 -21.76 17.21
C ALA B 189 24.05 -20.52 17.32
N ASP B 190 24.10 -19.74 16.24
CA ASP B 190 24.90 -18.52 16.17
C ASP B 190 24.40 -17.49 17.18
N TYR B 191 23.07 -17.34 17.31
CA TYR B 191 22.56 -16.35 18.23
C TYR B 191 23.08 -16.65 19.64
N GLU B 192 23.07 -17.94 20.01
CA GLU B 192 23.31 -18.35 21.39
C GLU B 192 24.81 -18.36 21.70
N LYS B 193 25.66 -18.16 20.69
CA LYS B 193 27.09 -18.08 20.89
C LYS B 193 27.54 -16.66 21.19
N HIS B 194 26.60 -15.69 21.24
CA HIS B 194 27.01 -14.29 21.37
C HIS B 194 26.10 -13.63 22.38
N LYS B 195 26.57 -12.47 22.86
CA LYS B 195 26.02 -11.80 24.00
C LYS B 195 25.41 -10.45 23.61
N VAL B 196 26.23 -9.59 23.00
CA VAL B 196 25.83 -8.21 22.79
C VAL B 196 25.30 -8.01 21.36
N TYR B 197 24.06 -7.52 21.26
CA TYR B 197 23.41 -7.29 19.98
C TYR B 197 23.13 -5.81 19.88
N ALA B 198 23.67 -5.16 18.86
CA ALA B 198 23.53 -3.72 18.79
C ALA B 198 23.14 -3.28 17.39
N CYS B 199 22.28 -2.27 17.38
CA CYS B 199 21.85 -1.60 16.17
C CYS B 199 22.37 -0.16 16.20
N GLU B 200 23.20 0.23 15.22
CA GLU B 200 23.82 1.55 15.20
C GLU B 200 23.25 2.36 14.05
N VAL B 201 22.62 3.51 14.33
CA VAL B 201 21.97 4.25 13.27
C VAL B 201 22.67 5.60 13.06
N THR B 202 22.97 5.89 11.79
CA THR B 202 23.49 7.19 11.39
C THR B 202 22.39 7.90 10.63
N HIS B 203 22.18 9.17 10.93
CA HIS B 203 21.16 9.97 10.27
C HIS B 203 21.49 11.45 10.48
N GLN B 204 21.10 12.28 9.49
CA GLN B 204 21.41 13.71 9.51
C GLN B 204 20.82 14.40 10.73
N GLY B 205 19.73 13.86 11.27
CA GLY B 205 19.11 14.45 12.45
C GLY B 205 19.84 14.09 13.75
N LEU B 206 20.96 13.34 13.63
CA LEU B 206 21.70 12.86 14.78
C LEU B 206 23.13 13.37 14.73
N SER B 207 23.54 14.10 15.80
CA SER B 207 24.89 14.64 15.93
C SER B 207 25.92 13.57 15.68
N SER B 208 25.67 12.40 16.28
CA SER B 208 26.54 11.25 16.06
C SER B 208 25.68 9.99 16.13
N PRO B 209 26.21 8.82 15.69
CA PRO B 209 25.41 7.60 15.63
C PRO B 209 24.88 7.19 17.00
N VAL B 210 23.58 6.85 17.02
CA VAL B 210 22.94 6.27 18.20
C VAL B 210 23.05 4.74 18.12
N THR B 211 23.31 4.10 19.25
CA THR B 211 23.41 2.65 19.30
C THR B 211 22.38 2.16 20.31
N LYS B 212 21.52 1.21 19.90
CA LYS B 212 20.61 0.57 20.84
C LYS B 212 21.01 -0.90 20.92
N SER B 213 21.07 -1.44 22.14
CA SER B 213 21.56 -2.80 22.27
C SER B 213 20.95 -3.51 23.47
N PHE B 214 21.13 -4.82 23.46
CA PHE B 214 20.76 -5.67 24.57
C PHE B 214 21.79 -6.80 24.68
N ASN B 215 21.81 -7.42 25.86
CA ASN B 215 22.55 -8.65 26.06
C ASN B 215 21.59 -9.84 26.00
N ARG B 216 21.96 -10.86 25.24
CA ARG B 216 21.10 -12.02 25.14
C ARG B 216 20.78 -12.52 26.55
N GLY B 217 19.49 -12.65 26.85
CA GLY B 217 19.05 -13.32 28.06
C GLY B 217 18.83 -12.31 29.17
N GLU B 218 19.10 -11.04 28.86
CA GLU B 218 18.77 -9.98 29.80
C GLU B 218 17.37 -9.48 29.42
#